data_4NX2
#
_entry.id   4NX2
#
_cell.length_a   53.099
_cell.length_b   160.955
_cell.length_c   39.009
_cell.angle_alpha   90.00
_cell.angle_beta   90.00
_cell.angle_gamma   90.00
#
_symmetry.space_group_name_H-M   'P 21 21 2'
#
loop_
_entity.id
_entity.type
_entity.pdbx_description
1 polymer 'Tyrosine--tRNA ligase'
2 non-polymer 3,5-dichloro-L-tyrosine
3 water water
#
_entity_poly.entity_id   1
_entity_poly.type   'polypeptide(L)'
_entity_poly.pdbx_seq_one_letter_code
;MDEFEMIKRNTSEIISEEELREVLKKDEKSALIGFEPSGKIHLGHYLQIKKMIDLQNAGFDIIIILADLGAYLNQKGELD
EIRKIGDYNKKVFEAMGLKAKYVYGSEILLDKDGTLNVYRLALKTTLKRARRSMELIAREDENPKVAEVIYPIMQVNSIH
YMGVDVAVGGMEQRKIHMLARELLPKKVVCIHNPVLTGLDGEGKMSSSKGNFIAVDDSPEEIRAKIKKAYCPAGVVEGNP
IMEIAKYFLEYPLTIKRPEKFGGDLTVNSYEELESLFKNKELHPMDLKNAVAEELIKILEPIRKRLAHHHHHH
;
_entity_poly.pdbx_strand_id   A
#
# COMPACT_ATOMS: atom_id res chain seq x y z
N MET A 1 -2.59 -5.64 22.35
CA MET A 1 -3.68 -5.07 21.57
C MET A 1 -4.70 -6.12 21.13
N ASP A 2 -5.96 -5.72 21.02
CA ASP A 2 -6.98 -6.61 20.46
C ASP A 2 -6.99 -6.50 18.95
N GLU A 3 -7.95 -7.16 18.32
CA GLU A 3 -8.01 -7.20 16.87
C GLU A 3 -8.26 -5.83 16.25
N PHE A 4 -9.23 -5.10 16.79
CA PHE A 4 -9.54 -3.75 16.31
C PHE A 4 -8.31 -2.85 16.36
N GLU A 5 -7.60 -2.85 17.48
CA GLU A 5 -6.39 -2.03 17.60
C GLU A 5 -5.30 -2.44 16.59
N MET A 6 -5.14 -3.74 16.38
CA MET A 6 -4.11 -4.23 15.47
C MET A 6 -4.42 -3.80 14.03
N ILE A 7 -5.70 -3.84 13.68
CA ILE A 7 -6.15 -3.40 12.36
C ILE A 7 -6.05 -1.88 12.21
N LYS A 8 -6.40 -1.14 13.26
CA LYS A 8 -6.38 0.32 13.17
C LYS A 8 -4.97 0.92 13.15
N ARG A 9 -4.03 0.23 13.78
CA ARG A 9 -2.70 0.78 13.95
C ARG A 9 -2.15 1.23 12.61
N ASN A 10 -1.71 2.49 12.57
CA ASN A 10 -1.02 3.05 11.40
C ASN A 10 -1.91 3.19 10.17
N THR A 11 -3.22 3.19 10.38
CA THR A 11 -4.15 3.55 9.30
C THR A 11 -4.49 5.03 9.38
N SER A 12 -4.98 5.59 8.28
CA SER A 12 -5.38 7.00 8.28
C SER A 12 -6.86 7.19 8.56
N GLU A 13 -7.69 6.24 8.12
CA GLU A 13 -9.12 6.29 8.45
C GLU A 13 -9.79 4.94 8.26
N ILE A 14 -10.86 4.72 9.01
CA ILE A 14 -11.68 3.54 8.88
C ILE A 14 -13.12 4.01 8.75
N ILE A 15 -13.78 3.64 7.65
CA ILE A 15 -15.17 4.02 7.42
C ILE A 15 -16.08 2.79 7.44
N SER A 16 -16.78 2.54 8.54
CA SER A 16 -16.63 3.27 9.80
C SER A 16 -16.14 2.29 10.88
N GLU A 17 -15.61 2.83 11.98
CA GLU A 17 -15.10 1.99 13.05
C GLU A 17 -16.21 1.14 13.66
N GLU A 18 -17.38 1.74 13.81
CA GLU A 18 -18.54 1.02 14.34
C GLU A 18 -18.85 -0.19 13.44
N GLU A 19 -18.88 0.03 12.13
CA GLU A 19 -19.13 -1.05 11.18
C GLU A 19 -18.05 -2.13 11.23
N LEU A 20 -16.80 -1.72 11.40
CA LEU A 20 -15.70 -2.68 11.52
C LEU A 20 -15.86 -3.60 12.72
N ARG A 21 -16.19 -3.03 13.88
CA ARG A 21 -16.39 -3.84 15.10
C ARG A 21 -17.45 -4.91 14.87
N GLU A 22 -18.47 -4.59 14.08
CA GLU A 22 -19.51 -5.57 13.78
C GLU A 22 -19.01 -6.66 12.85
N VAL A 23 -18.17 -6.29 11.89
CA VAL A 23 -17.58 -7.28 11.00
C VAL A 23 -16.75 -8.26 11.82
N LEU A 24 -16.01 -7.73 12.79
CA LEU A 24 -15.09 -8.57 13.57
C LEU A 24 -15.81 -9.66 14.35
N LYS A 25 -17.11 -9.48 14.57
CA LYS A 25 -17.92 -10.45 15.28
C LYS A 25 -18.26 -11.65 14.40
N LYS A 26 -18.27 -11.46 13.09
CA LYS A 26 -18.63 -12.54 12.16
C LYS A 26 -17.63 -13.67 12.23
N ASP A 27 -18.10 -14.89 11.98
CA ASP A 27 -17.23 -16.07 11.96
C ASP A 27 -16.44 -16.09 10.66
N GLU A 28 -17.11 -15.66 9.58
CA GLU A 28 -16.47 -15.54 8.28
C GLU A 28 -16.47 -14.10 7.79
N LYS A 29 -15.32 -13.62 7.35
CA LYS A 29 -15.26 -12.28 6.79
C LYS A 29 -14.08 -12.17 5.83
N SER A 30 -14.20 -11.28 4.86
CA SER A 30 -13.17 -11.14 3.84
C SER A 30 -12.83 -9.70 3.54
N ALA A 31 -11.61 -9.48 3.06
CA ALA A 31 -11.14 -8.15 2.74
C ALA A 31 -10.38 -8.19 1.42
N LEU A 32 -10.49 -7.12 0.62
CA LEU A 32 -9.67 -7.04 -0.58
C LEU A 32 -8.86 -5.78 -0.66
N ILE A 33 -7.79 -5.83 -1.44
CA ILE A 33 -7.10 -4.64 -1.90
C ILE A 33 -6.77 -4.93 -3.36
N GLY A 34 -6.73 -3.89 -4.20
CA GLY A 34 -6.29 -4.07 -5.57
C GLY A 34 -5.02 -3.29 -5.85
N PHE A 35 -4.16 -3.81 -6.71
CA PHE A 35 -2.97 -3.09 -7.16
C PHE A 35 -2.86 -3.11 -8.68
N GLU A 36 -2.58 -1.96 -9.29
CA GLU A 36 -2.07 -1.98 -10.66
C GLU A 36 -0.73 -2.69 -10.59
N PRO A 37 -0.50 -3.70 -11.44
CA PRO A 37 0.81 -4.38 -11.38
C PRO A 37 1.98 -3.42 -11.58
N SER A 38 3.02 -3.61 -10.76
CA SER A 38 4.18 -2.72 -10.74
C SER A 38 5.49 -3.50 -10.87
N GLY A 39 6.38 -3.01 -11.73
CA GLY A 39 7.63 -3.69 -12.01
C GLY A 39 8.50 -3.78 -10.76
N LYS A 40 8.48 -2.73 -9.95
CA LYS A 40 9.12 -2.75 -8.65
C LYS A 40 8.07 -2.77 -7.56
N ILE A 41 8.27 -3.62 -6.56
CA ILE A 41 7.40 -3.59 -5.39
C ILE A 41 8.17 -2.91 -4.24
N HIS A 42 7.64 -1.79 -3.76
CA HIS A 42 8.40 -0.95 -2.82
C HIS A 42 7.70 -0.81 -1.47
N LEU A 43 8.25 0.03 -0.60
CA LEU A 43 7.70 0.19 0.74
C LEU A 43 6.24 0.66 0.75
N GLY A 44 5.82 1.37 -0.30
CA GLY A 44 4.43 1.76 -0.40
C GLY A 44 3.53 0.54 -0.47
N HIS A 45 3.89 -0.43 -1.32
CA HIS A 45 3.14 -1.68 -1.36
C HIS A 45 3.25 -2.42 -0.04
N TYR A 46 4.47 -2.45 0.52
CA TYR A 46 4.71 -3.26 1.71
C TYR A 46 3.85 -2.75 2.84
N LEU A 47 3.71 -1.43 2.92
CA LEU A 47 2.92 -0.83 3.99
C LEU A 47 1.52 -1.44 3.97
N GLN A 48 0.96 -1.56 2.78
CA GLN A 48 -0.41 -2.02 2.64
C GLN A 48 -0.52 -3.54 2.77
N ILE A 49 0.48 -4.28 2.31
CA ILE A 49 0.44 -5.72 2.49
C ILE A 49 0.53 -6.07 3.98
N LYS A 50 1.32 -5.29 4.72
CA LYS A 50 1.41 -5.49 6.18
C LYS A 50 0.03 -5.35 6.80
N LYS A 51 -0.74 -4.39 6.30
CA LYS A 51 -2.10 -4.17 6.82
C LYS A 51 -3.01 -5.34 6.45
N MET A 52 -2.85 -5.89 5.25
CA MET A 52 -3.64 -7.06 4.87
C MET A 52 -3.30 -8.26 5.76
N ILE A 53 -2.04 -8.35 6.17
CA ILE A 53 -1.61 -9.42 7.07
C ILE A 53 -2.25 -9.23 8.44
N ASP A 54 -2.36 -7.98 8.90
CA ASP A 54 -3.08 -7.68 10.14
C ASP A 54 -4.48 -8.25 10.03
N LEU A 55 -5.13 -8.03 8.89
CA LEU A 55 -6.50 -8.51 8.69
C LEU A 55 -6.56 -10.03 8.68
N GLN A 56 -5.58 -10.64 8.01
CA GLN A 56 -5.50 -12.10 7.94
C GLN A 56 -5.27 -12.69 9.34
N ASN A 57 -4.51 -11.98 10.17
CA ASN A 57 -4.29 -12.45 11.54
C ASN A 57 -5.53 -12.24 12.40
N ALA A 58 -6.47 -11.45 11.90
CA ALA A 58 -7.74 -11.24 12.59
C ALA A 58 -8.84 -12.13 12.02
N GLY A 59 -8.45 -13.12 11.21
CA GLY A 59 -9.39 -14.11 10.70
C GLY A 59 -10.13 -13.71 9.44
N PHE A 60 -9.62 -12.70 8.73
CA PHE A 60 -10.21 -12.34 7.45
C PHE A 60 -9.64 -13.21 6.36
N ASP A 61 -10.48 -13.61 5.41
CA ASP A 61 -9.98 -14.18 4.18
C ASP A 61 -9.53 -13.04 3.27
N ILE A 62 -8.34 -13.15 2.72
CA ILE A 62 -7.77 -12.04 1.95
C ILE A 62 -7.83 -12.29 0.45
N ILE A 63 -8.36 -11.30 -0.28
CA ILE A 63 -8.37 -11.32 -1.74
C ILE A 63 -7.51 -10.17 -2.28
N ILE A 64 -6.58 -10.49 -3.18
CA ILE A 64 -5.73 -9.49 -3.81
C ILE A 64 -6.18 -9.39 -5.25
N ILE A 65 -6.61 -8.20 -5.67
CA ILE A 65 -6.92 -7.99 -7.08
C ILE A 65 -5.67 -7.50 -7.80
N LEU A 66 -5.20 -8.26 -8.79
CA LEU A 66 -4.17 -7.78 -9.70
C LEU A 66 -4.93 -7.03 -10.80
N ALA A 67 -4.89 -5.70 -10.74
CA ALA A 67 -5.76 -4.88 -11.58
C ALA A 67 -5.18 -4.69 -12.98
N ASP A 68 -5.19 -5.74 -13.77
CA ASP A 68 -4.59 -5.66 -15.10
C ASP A 68 -5.38 -4.78 -16.06
N LEU A 69 -6.70 -4.85 -16.03
CA LEU A 69 -7.51 -4.00 -16.90
C LEU A 69 -7.40 -2.56 -16.43
N GLY A 70 -7.44 -2.38 -15.11
CA GLY A 70 -7.25 -1.06 -14.53
C GLY A 70 -5.94 -0.44 -14.97
N ALA A 71 -4.86 -1.19 -14.86
CA ALA A 71 -3.56 -0.69 -15.24
C ALA A 71 -3.54 -0.40 -16.75
N TYR A 72 -4.10 -1.32 -17.53
CA TYR A 72 -4.22 -1.13 -18.98
C TYR A 72 -4.93 0.19 -19.27
N LEU A 73 -6.09 0.40 -18.65
CA LEU A 73 -6.87 1.62 -18.85
C LEU A 73 -6.13 2.85 -18.37
N ASN A 74 -5.22 2.66 -17.43
CA ASN A 74 -4.48 3.77 -16.88
C ASN A 74 -3.12 3.87 -17.52
N GLN A 75 -3.03 3.34 -18.74
CA GLN A 75 -1.91 3.59 -19.65
C GLN A 75 -0.58 2.98 -19.21
N LYS A 76 -0.63 1.85 -18.52
CA LYS A 76 0.57 1.16 -18.05
C LYS A 76 1.19 0.22 -19.08
N GLY A 77 0.53 0.06 -20.23
CA GLY A 77 1.10 -0.76 -21.30
C GLY A 77 0.14 -1.79 -21.86
N GLU A 78 0.70 -2.83 -22.49
CA GLU A 78 -0.09 -3.90 -23.07
C GLU A 78 -0.54 -4.91 -22.02
N LEU A 79 -1.67 -5.56 -22.26
CA LEU A 79 -2.26 -6.45 -21.26
C LEU A 79 -1.37 -7.61 -20.85
N ASP A 80 -0.74 -8.26 -21.84
CA ASP A 80 0.08 -9.44 -21.55
C ASP A 80 1.33 -9.08 -20.72
N GLU A 81 1.99 -7.97 -21.07
CA GLU A 81 3.08 -7.44 -20.24
C GLU A 81 2.58 -7.18 -18.82
N ILE A 82 1.44 -6.50 -18.70
CA ILE A 82 0.87 -6.17 -17.41
C ILE A 82 0.57 -7.42 -16.57
N ARG A 83 0.02 -8.45 -17.20
CA ARG A 83 -0.28 -9.69 -16.48
C ARG A 83 0.98 -10.44 -16.02
N LYS A 84 2.04 -10.40 -16.83
CA LYS A 84 3.31 -11.02 -16.43
C LYS A 84 3.88 -10.35 -15.18
N ILE A 85 3.84 -9.02 -15.14
CA ILE A 85 4.26 -8.28 -13.96
C ILE A 85 3.36 -8.61 -12.78
N GLY A 86 2.05 -8.75 -13.05
CA GLY A 86 1.09 -9.14 -12.04
C GLY A 86 1.49 -10.43 -11.35
N ASP A 87 1.86 -11.42 -12.15
CA ASP A 87 2.26 -12.70 -11.59
C ASP A 87 3.52 -12.53 -10.74
N TYR A 88 4.42 -11.66 -11.18
CA TYR A 88 5.61 -11.40 -10.36
C TYR A 88 5.19 -10.76 -9.04
N ASN A 89 4.25 -9.83 -9.10
CA ASN A 89 3.81 -9.15 -7.88
C ASN A 89 3.22 -10.15 -6.90
N LYS A 90 2.46 -11.12 -7.42
CA LYS A 90 1.92 -12.18 -6.57
C LYS A 90 3.03 -12.89 -5.80
N LYS A 91 4.12 -13.20 -6.48
CA LYS A 91 5.25 -13.87 -5.82
C LYS A 91 5.83 -13.03 -4.69
N VAL A 92 5.94 -11.72 -4.92
CA VAL A 92 6.48 -10.81 -3.92
C VAL A 92 5.59 -10.77 -2.70
N PHE A 93 4.28 -10.63 -2.92
CA PHE A 93 3.32 -10.59 -1.83
C PHE A 93 3.36 -11.89 -1.05
N GLU A 94 3.46 -13.02 -1.75
CA GLU A 94 3.65 -14.31 -1.07
C GLU A 94 4.92 -14.31 -0.22
N ALA A 95 6.01 -13.78 -0.78
CA ALA A 95 7.28 -13.72 -0.05
C ALA A 95 7.23 -12.78 1.16
N MET A 96 6.23 -11.90 1.20
CA MET A 96 6.01 -11.04 2.36
C MET A 96 5.28 -11.77 3.48
N GLY A 97 4.87 -13.01 3.23
CA GLY A 97 4.16 -13.76 4.25
C GLY A 97 2.64 -13.66 4.17
N LEU A 98 2.13 -13.07 3.09
CA LEU A 98 0.69 -12.90 2.96
C LEU A 98 0.05 -14.21 2.51
N LYS A 99 -1.07 -14.57 3.14
CA LYS A 99 -1.83 -15.73 2.68
C LYS A 99 -3.10 -15.22 2.01
N ALA A 100 -3.18 -15.34 0.70
CA ALA A 100 -4.33 -14.78 0.00
C ALA A 100 -4.73 -15.54 -1.24
N LYS A 101 -5.91 -15.20 -1.74
CA LYS A 101 -6.35 -15.62 -3.07
C LYS A 101 -6.10 -14.43 -4.01
N TYR A 102 -5.52 -14.70 -5.16
CA TYR A 102 -5.14 -13.66 -6.11
C TYR A 102 -5.99 -13.81 -7.36
N VAL A 103 -6.63 -12.73 -7.80
CA VAL A 103 -7.39 -12.75 -9.06
C VAL A 103 -7.10 -11.52 -9.93
N TYR A 104 -7.06 -11.73 -11.24
CA TYR A 104 -6.93 -10.62 -12.16
C TYR A 104 -8.27 -9.93 -12.36
N GLY A 105 -8.25 -8.60 -12.36
CA GLY A 105 -9.46 -7.82 -12.57
C GLY A 105 -10.14 -8.22 -13.87
N SER A 106 -9.35 -8.61 -14.87
CA SER A 106 -9.92 -9.06 -16.13
C SER A 106 -10.73 -10.36 -16.04
N GLU A 107 -10.47 -11.19 -15.07
CA GLU A 107 -11.25 -12.38 -14.88
C GLU A 107 -12.74 -12.05 -14.65
N ILE A 108 -12.96 -10.98 -13.93
CA ILE A 108 -14.28 -10.56 -13.52
C ILE A 108 -14.98 -10.03 -14.72
N LEU A 109 -14.41 -8.99 -15.28
CA LEU A 109 -15.00 -8.19 -16.35
C LEU A 109 -15.10 -8.89 -17.67
N LEU A 110 -14.59 -10.10 -17.72
CA LEU A 110 -14.64 -10.82 -18.94
C LEU A 110 -15.43 -12.10 -18.86
N ASP A 111 -15.27 -12.85 -17.81
CA ASP A 111 -15.79 -14.19 -17.80
C ASP A 111 -17.17 -14.34 -17.23
N LYS A 112 -17.61 -13.36 -16.46
CA LYS A 112 -18.94 -13.37 -15.90
C LYS A 112 -19.73 -12.18 -16.46
N ASP A 113 -20.97 -11.99 -16.02
CA ASP A 113 -21.70 -10.70 -16.18
C ASP A 113 -22.46 -10.27 -14.91
N GLY A 114 -21.81 -9.55 -14.01
CA GLY A 114 -20.37 -9.34 -14.04
C GLY A 114 -19.86 -8.26 -14.98
N THR A 115 -19.76 -8.56 -16.25
CA THR A 115 -19.38 -7.60 -17.27
C THR A 115 -20.53 -6.62 -17.44
N LEU A 116 -21.70 -7.18 -17.29
CA LEU A 116 -22.90 -6.40 -17.52
C LEU A 116 -23.06 -5.37 -16.41
N ASN A 117 -22.63 -5.71 -15.19
CA ASN A 117 -22.82 -4.82 -14.05
C ASN A 117 -22.03 -3.52 -14.20
N VAL A 118 -20.94 -3.59 -14.96
CA VAL A 118 -20.18 -2.38 -15.28
C VAL A 118 -21.08 -1.35 -15.99
N TYR A 119 -21.85 -1.84 -16.96
CA TYR A 119 -22.82 -1.00 -17.65
C TYR A 119 -23.89 -0.45 -16.70
N ARG A 120 -24.37 -1.30 -15.79
CA ARG A 120 -25.39 -0.88 -14.83
C ARG A 120 -24.85 0.24 -13.94
N LEU A 121 -23.62 0.08 -13.47
CA LEU A 121 -23.00 1.09 -12.62
C LEU A 121 -22.76 2.38 -13.39
N ALA A 122 -22.43 2.24 -14.68
CA ALA A 122 -22.15 3.42 -15.49
C ALA A 122 -23.41 4.26 -15.63
N LEU A 123 -24.57 3.62 -15.53
CA LEU A 123 -25.83 4.35 -15.58
C LEU A 123 -26.04 5.21 -14.33
N LYS A 124 -25.41 4.80 -13.23
CA LYS A 124 -25.65 5.45 -11.94
C LYS A 124 -24.56 6.45 -11.58
N THR A 125 -23.46 6.41 -12.31
CA THR A 125 -22.29 7.18 -11.92
C THR A 125 -22.18 8.40 -12.82
N THR A 126 -22.11 9.59 -12.24
CA THR A 126 -21.96 10.79 -13.07
C THR A 126 -20.54 10.92 -13.60
N LEU A 127 -20.37 11.53 -14.77
CA LEU A 127 -19.03 11.78 -15.28
C LEU A 127 -18.20 12.60 -14.29
N LYS A 128 -18.87 13.59 -13.68
CA LYS A 128 -18.23 14.46 -12.69
C LYS A 128 -17.64 13.67 -11.53
N ARG A 129 -18.42 12.77 -10.93
CA ARG A 129 -17.93 11.96 -9.81
C ARG A 129 -16.83 11.00 -10.23
N ALA A 130 -17.01 10.39 -11.39
CA ALA A 130 -15.99 9.48 -11.93
C ALA A 130 -14.63 10.19 -12.12
N ARG A 131 -14.65 11.35 -12.77
CA ARG A 131 -13.42 12.08 -13.04
C ARG A 131 -12.80 12.55 -11.74
N ARG A 132 -13.62 13.10 -10.85
CA ARG A 132 -13.16 13.57 -9.54
C ARG A 132 -12.52 12.44 -8.73
N SER A 133 -13.06 11.23 -8.85
CA SER A 133 -12.58 10.09 -8.07
C SER A 133 -11.21 9.64 -8.53
N MET A 134 -10.82 10.06 -9.74
CA MET A 134 -9.56 9.63 -10.36
C MET A 134 -8.44 10.65 -10.22
N GLU A 135 -8.76 11.80 -9.64
CA GLU A 135 -7.79 12.89 -9.47
C GLU A 135 -6.43 12.45 -8.92
N LEU A 136 -6.43 11.60 -7.92
CA LEU A 136 -5.19 11.18 -7.31
C LEU A 136 -4.69 9.86 -7.88
N ILE A 137 -5.27 9.42 -8.97
CA ILE A 137 -4.98 8.13 -9.53
C ILE A 137 -4.54 8.14 -10.99
N ALA A 138 -5.30 8.81 -11.85
CA ALA A 138 -5.13 8.74 -13.26
C ALA A 138 -3.77 9.26 -13.69
N ARG A 139 -3.20 8.65 -14.70
CA ARG A 139 -1.97 9.15 -15.31
C ARG A 139 -2.26 10.47 -16.02
N GLU A 140 -1.23 11.30 -16.18
CA GLU A 140 -1.38 12.61 -16.82
C GLU A 140 -1.81 12.47 -18.27
N ASP A 141 -2.89 13.18 -18.65
CA ASP A 141 -3.34 13.19 -20.03
C ASP A 141 -4.00 14.50 -20.40
N GLU A 142 -3.41 15.20 -21.36
CA GLU A 142 -3.90 16.50 -21.83
C GLU A 142 -5.27 16.34 -22.47
N ASN A 143 -5.51 15.18 -23.07
CA ASN A 143 -6.82 14.85 -23.62
C ASN A 143 -7.38 13.60 -22.94
N PRO A 144 -8.02 13.78 -21.78
CA PRO A 144 -8.49 12.68 -20.93
C PRO A 144 -9.41 11.74 -21.70
N LYS A 145 -9.17 10.45 -21.55
CA LYS A 145 -9.84 9.42 -22.34
C LYS A 145 -11.04 8.83 -21.60
N VAL A 146 -11.96 8.22 -22.36
CA VAL A 146 -13.11 7.52 -21.77
C VAL A 146 -12.62 6.47 -20.75
N ALA A 147 -11.48 5.87 -21.05
CA ALA A 147 -10.85 4.89 -20.17
C ALA A 147 -10.78 5.39 -18.72
N GLU A 148 -10.50 6.68 -18.55
CA GLU A 148 -10.39 7.28 -17.22
C GLU A 148 -11.64 7.12 -16.35
N VAL A 149 -12.84 7.22 -16.94
CA VAL A 149 -14.05 7.18 -16.12
C VAL A 149 -14.63 5.78 -15.98
N ILE A 150 -14.17 4.87 -16.82
CA ILE A 150 -14.48 3.44 -16.69
C ILE A 150 -13.73 2.80 -15.51
N TYR A 151 -12.47 3.19 -15.33
CA TYR A 151 -11.62 2.69 -14.25
C TYR A 151 -12.30 2.63 -12.87
N PRO A 152 -12.84 3.76 -12.36
CA PRO A 152 -13.44 3.65 -11.03
C PRO A 152 -14.64 2.70 -10.96
N ILE A 153 -15.42 2.63 -12.02
CA ILE A 153 -16.58 1.75 -12.09
C ILE A 153 -16.12 0.31 -11.98
N MET A 154 -15.02 0.01 -12.67
CA MET A 154 -14.40 -1.31 -12.61
CA MET A 154 -14.46 -1.33 -12.60
C MET A 154 -14.06 -1.71 -11.19
N GLN A 155 -13.45 -0.77 -10.47
CA GLN A 155 -13.01 -1.05 -9.10
C GLN A 155 -14.21 -1.27 -8.19
N VAL A 156 -15.26 -0.47 -8.37
CA VAL A 156 -16.48 -0.65 -7.58
C VAL A 156 -17.08 -2.02 -7.87
N ASN A 157 -17.11 -2.38 -9.15
CA ASN A 157 -17.61 -3.70 -9.54
C ASN A 157 -16.85 -4.86 -8.92
N SER A 158 -15.51 -4.77 -8.86
CA SER A 158 -14.71 -5.85 -8.29
CA SER A 158 -14.68 -5.82 -8.27
C SER A 158 -15.02 -6.01 -6.80
N ILE A 159 -15.20 -4.89 -6.10
CA ILE A 159 -15.59 -4.96 -4.69
C ILE A 159 -16.91 -5.73 -4.55
N HIS A 160 -17.89 -5.39 -5.39
CA HIS A 160 -19.20 -6.04 -5.33
C HIS A 160 -19.05 -7.52 -5.67
N TYR A 161 -18.36 -7.78 -6.78
CA TYR A 161 -18.22 -9.13 -7.28
C TYR A 161 -17.57 -10.08 -6.29
N MET A 162 -16.56 -9.59 -5.58
N MET A 162 -16.55 -9.60 -5.58
CA MET A 162 -15.85 -10.42 -4.60
CA MET A 162 -15.86 -10.46 -4.62
C MET A 162 -16.64 -10.62 -3.31
C MET A 162 -16.63 -10.60 -3.31
N GLY A 163 -17.67 -9.80 -3.14
CA GLY A 163 -18.53 -9.89 -1.96
C GLY A 163 -17.82 -9.71 -0.62
N VAL A 164 -16.79 -8.86 -0.59
CA VAL A 164 -16.01 -8.68 0.62
C VAL A 164 -16.69 -7.77 1.64
N ASP A 165 -16.33 -7.93 2.91
CA ASP A 165 -16.83 -7.05 3.97
C ASP A 165 -16.03 -5.76 4.04
N VAL A 166 -14.74 -5.86 3.70
CA VAL A 166 -13.79 -4.78 3.87
C VAL A 166 -13.05 -4.53 2.57
N ALA A 167 -12.85 -3.25 2.23
CA ALA A 167 -11.97 -2.89 1.12
C ALA A 167 -10.84 -2.03 1.70
N VAL A 168 -9.60 -2.33 1.33
CA VAL A 168 -8.43 -1.62 1.83
C VAL A 168 -7.73 -0.90 0.68
N GLY A 169 -7.19 0.28 0.96
CA GLY A 169 -6.40 0.98 -0.04
C GLY A 169 -5.72 2.20 0.53
N GLY A 170 -4.87 2.87 -0.25
CA GLY A 170 -4.26 4.11 0.22
C GLY A 170 -5.29 5.23 0.26
N MET A 171 -4.96 6.34 0.89
CA MET A 171 -5.89 7.47 0.95
C MET A 171 -6.34 7.96 -0.42
N GLU A 172 -5.53 7.72 -1.45
CA GLU A 172 -5.91 8.14 -2.80
C GLU A 172 -7.15 7.41 -3.35
N GLN A 173 -7.42 6.21 -2.80
CA GLN A 173 -8.60 5.43 -3.19
C GLN A 173 -9.90 5.88 -2.51
N ARG A 174 -9.87 6.90 -1.66
CA ARG A 174 -11.03 7.13 -0.79
C ARG A 174 -12.29 7.54 -1.55
N LYS A 175 -12.12 8.26 -2.65
CA LYS A 175 -13.26 8.72 -3.42
C LYS A 175 -13.89 7.61 -4.23
N ILE A 176 -13.06 6.70 -4.73
CA ILE A 176 -13.58 5.50 -5.39
C ILE A 176 -14.35 4.67 -4.38
N HIS A 177 -13.79 4.55 -3.17
CA HIS A 177 -14.45 3.81 -2.10
C HIS A 177 -15.77 4.47 -1.67
N MET A 178 -15.81 5.81 -1.63
CA MET A 178 -17.06 6.50 -1.32
C MET A 178 -18.11 6.23 -2.40
N LEU A 179 -17.67 6.15 -3.66
CA LEU A 179 -18.55 5.74 -4.74
C LEU A 179 -19.07 4.32 -4.49
N ALA A 180 -18.18 3.42 -4.09
CA ALA A 180 -18.59 2.05 -3.81
C ALA A 180 -19.70 1.98 -2.76
N ARG A 181 -19.61 2.83 -1.73
CA ARG A 181 -20.62 2.81 -0.66
C ARG A 181 -21.96 3.37 -1.13
N GLU A 182 -21.92 4.20 -2.17
CA GLU A 182 -23.14 4.79 -2.71
C GLU A 182 -23.79 3.92 -3.78
N LEU A 183 -22.98 3.12 -4.48
CA LEU A 183 -23.43 2.44 -5.69
C LEU A 183 -23.87 1.00 -5.47
N LEU A 184 -23.43 0.38 -4.39
CA LEU A 184 -23.68 -1.04 -4.15
C LEU A 184 -24.73 -1.24 -3.06
N PRO A 185 -25.49 -2.36 -3.12
CA PRO A 185 -26.56 -2.57 -2.13
C PRO A 185 -26.03 -2.67 -0.72
N LYS A 186 -24.85 -3.26 -0.54
CA LYS A 186 -24.23 -3.41 0.78
C LYS A 186 -23.02 -2.48 0.89
N LYS A 187 -22.95 -1.70 1.96
CA LYS A 187 -21.86 -0.75 2.14
C LYS A 187 -20.63 -1.47 2.67
N VAL A 188 -19.55 -1.42 1.90
CA VAL A 188 -18.27 -2.02 2.31
C VAL A 188 -17.57 -1.15 3.35
N VAL A 189 -16.96 -1.78 4.36
CA VAL A 189 -16.12 -1.06 5.31
C VAL A 189 -14.80 -0.72 4.62
N CYS A 190 -14.38 0.54 4.71
CA CYS A 190 -13.19 1.01 4.02
C CYS A 190 -12.06 1.33 4.98
N ILE A 191 -10.90 0.75 4.73
CA ILE A 191 -9.74 1.02 5.58
C ILE A 191 -8.69 1.67 4.72
N HIS A 192 -8.29 2.90 5.05
CA HIS A 192 -7.33 3.59 4.20
C HIS A 192 -6.00 3.75 4.89
N ASN A 193 -4.92 3.43 4.17
CA ASN A 193 -3.57 3.55 4.69
C ASN A 193 -2.98 4.88 4.26
N PRO A 194 -2.03 5.40 5.04
CA PRO A 194 -1.44 6.68 4.63
C PRO A 194 -0.59 6.54 3.37
N VAL A 195 -0.40 7.66 2.69
CA VAL A 195 0.45 7.75 1.51
C VAL A 195 1.90 7.95 1.95
N LEU A 196 2.77 7.03 1.54
CA LEU A 196 4.17 7.09 1.93
C LEU A 196 4.90 8.07 1.02
N THR A 197 5.61 9.02 1.62
CA THR A 197 6.40 10.01 0.88
C THR A 197 7.58 9.32 0.22
N GLY A 198 7.95 9.75 -0.98
CA GLY A 198 9.10 9.20 -1.69
C GLY A 198 10.41 9.67 -1.07
N LEU A 199 11.50 9.00 -1.41
CA LEU A 199 12.79 9.30 -0.80
C LEU A 199 13.27 10.71 -1.17
N ASP A 200 12.85 11.19 -2.34
CA ASP A 200 13.21 12.51 -2.86
C ASP A 200 12.52 13.61 -2.06
N GLY A 201 11.48 13.25 -1.32
CA GLY A 201 10.70 14.24 -0.60
C GLY A 201 9.77 15.02 -1.50
N GLU A 202 9.45 14.46 -2.67
CA GLU A 202 8.56 15.13 -3.62
C GLU A 202 7.42 14.22 -4.05
N GLY A 203 6.34 14.24 -3.28
CA GLY A 203 5.20 13.38 -3.59
C GLY A 203 5.40 11.95 -3.15
N LYS A 204 4.45 11.10 -3.50
CA LYS A 204 4.42 9.72 -3.04
C LYS A 204 5.60 8.91 -3.54
N MET A 205 5.95 7.87 -2.80
CA MET A 205 6.92 6.89 -3.29
C MET A 205 6.40 6.21 -4.55
N SER A 206 7.24 6.21 -5.58
CA SER A 206 6.90 5.60 -6.87
C SER A 206 8.19 4.99 -7.40
N SER A 207 8.12 4.34 -8.56
CA SER A 207 9.29 3.65 -9.10
C SER A 207 10.32 4.54 -9.83
N SER A 208 10.27 5.85 -9.60
CA SER A 208 11.26 6.75 -10.21
C SER A 208 12.63 6.58 -9.53
N LYS A 209 13.70 6.81 -10.30
CA LYS A 209 15.05 6.45 -9.87
C LYS A 209 15.48 7.06 -8.53
N GLY A 210 15.79 6.19 -7.57
CA GLY A 210 16.24 6.61 -6.25
C GLY A 210 15.11 7.05 -5.33
N ASN A 211 13.88 7.04 -5.85
CA ASN A 211 12.71 7.55 -5.12
C ASN A 211 12.00 6.50 -4.23
N PHE A 212 12.36 5.24 -4.41
CA PHE A 212 11.71 4.16 -3.65
C PHE A 212 12.75 3.28 -3.01
N ILE A 213 12.31 2.52 -2.01
CA ILE A 213 13.09 1.38 -1.56
C ILE A 213 12.28 0.16 -2.00
N ALA A 214 12.83 -0.67 -2.87
CA ALA A 214 12.12 -1.89 -3.27
C ALA A 214 12.44 -2.99 -2.25
N VAL A 215 11.49 -3.90 -2.02
CA VAL A 215 11.68 -4.91 -0.99
C VAL A 215 12.83 -5.86 -1.31
N ASP A 216 13.16 -5.99 -2.58
CA ASP A 216 14.25 -6.86 -2.99
C ASP A 216 15.54 -6.09 -3.31
N ASP A 217 15.59 -4.81 -2.93
CA ASP A 217 16.82 -4.03 -3.12
C ASP A 217 17.96 -4.64 -2.29
N SER A 218 19.18 -4.61 -2.83
CA SER A 218 20.34 -5.15 -2.11
C SER A 218 20.72 -4.22 -0.95
N PRO A 219 21.46 -4.74 0.05
CA PRO A 219 21.79 -3.87 1.19
C PRO A 219 22.54 -2.61 0.77
N GLU A 220 23.43 -2.72 -0.22
CA GLU A 220 24.17 -1.54 -0.64
C GLU A 220 23.26 -0.50 -1.32
N GLU A 221 22.26 -0.96 -2.07
CA GLU A 221 21.30 -0.04 -2.70
C GLU A 221 20.44 0.65 -1.64
N ILE A 222 20.07 -0.09 -0.60
CA ILE A 222 19.27 0.49 0.48
C ILE A 222 20.05 1.61 1.19
N ARG A 223 21.32 1.34 1.53
CA ARG A 223 22.15 2.35 2.19
C ARG A 223 22.30 3.60 1.32
N ALA A 224 22.60 3.38 0.04
CA ALA A 224 22.83 4.47 -0.90
C ALA A 224 21.58 5.34 -1.04
N LYS A 225 20.42 4.71 -1.20
CA LYS A 225 19.20 5.50 -1.41
C LYS A 225 18.75 6.22 -0.15
N ILE A 226 18.89 5.57 1.00
CA ILE A 226 18.54 6.21 2.27
C ILE A 226 19.48 7.39 2.53
N LYS A 227 20.77 7.18 2.28
CA LYS A 227 21.80 8.21 2.50
C LYS A 227 21.48 9.51 1.75
N LYS A 228 20.96 9.39 0.54
CA LYS A 228 20.68 10.59 -0.22
C LYS A 228 19.23 11.08 -0.12
N ALA A 229 18.43 10.47 0.76
CA ALA A 229 17.02 10.86 0.88
C ALA A 229 16.83 12.25 1.47
N TYR A 230 15.75 12.92 1.12
CA TYR A 230 15.30 14.13 1.78
C TYR A 230 15.06 13.88 3.28
N CYS A 231 15.73 14.62 4.13
CA CYS A 231 15.67 14.44 5.56
C CYS A 231 16.29 15.60 6.33
N PRO A 232 15.47 16.73 6.35
CA PRO A 232 16.06 17.85 7.07
C PRO A 232 15.94 17.77 8.57
N ALA A 233 17.00 18.18 9.23
CA ALA A 233 17.09 18.17 10.66
C ALA A 233 15.93 18.87 11.28
N GLY A 234 15.37 18.26 12.28
CA GLY A 234 14.22 18.84 12.96
C GLY A 234 12.92 18.70 12.22
N VAL A 235 12.97 18.30 10.94
CA VAL A 235 11.76 18.20 10.12
C VAL A 235 11.16 16.79 10.06
N VAL A 236 9.97 16.63 10.63
CA VAL A 236 9.29 15.34 10.67
C VAL A 236 8.25 15.23 9.57
N GLU A 237 7.53 16.33 9.34
CA GLU A 237 6.51 16.36 8.30
C GLU A 237 7.10 16.15 6.91
N GLY A 238 6.54 15.22 6.16
CA GLY A 238 7.02 14.94 4.81
C GLY A 238 8.41 14.33 4.76
N ASN A 239 8.92 13.93 5.92
CA ASN A 239 10.24 13.30 6.01
C ASN A 239 10.13 11.79 5.82
N PRO A 240 10.56 11.28 4.65
CA PRO A 240 10.35 9.86 4.34
C PRO A 240 11.14 8.92 5.25
N ILE A 241 12.26 9.38 5.80
CA ILE A 241 13.03 8.56 6.74
C ILE A 241 12.28 8.40 8.07
N MET A 242 11.68 9.47 8.56
CA MET A 242 10.87 9.36 9.79
C MET A 242 9.63 8.51 9.54
N GLU A 243 9.01 8.65 8.36
CA GLU A 243 7.88 7.81 8.00
C GLU A 243 8.26 6.34 8.03
N ILE A 244 9.41 6.03 7.45
CA ILE A 244 9.88 4.65 7.45
C ILE A 244 10.09 4.15 8.89
N ALA A 245 10.62 5.00 9.75
CA ALA A 245 10.83 4.59 11.15
C ALA A 245 9.49 4.32 11.81
N LYS A 246 8.49 5.13 11.48
CA LYS A 246 7.16 4.97 12.05
C LYS A 246 6.47 3.70 11.58
N TYR A 247 6.51 3.44 10.27
CA TYR A 247 5.64 2.42 9.68
C TYR A 247 6.26 1.02 9.60
N PHE A 248 7.58 0.93 9.66
CA PHE A 248 8.26 -0.34 9.45
C PHE A 248 9.16 -0.82 10.59
N LEU A 249 9.64 0.11 11.41
CA LEU A 249 10.66 -0.27 12.41
C LEU A 249 10.07 -0.81 13.72
N GLU A 250 10.86 -1.63 14.42
CA GLU A 250 10.49 -2.15 15.73
C GLU A 250 11.20 -1.36 16.81
N TYR A 251 10.55 -1.25 17.97
CA TYR A 251 11.12 -0.56 19.12
C TYR A 251 11.17 -1.51 20.33
N PRO A 252 12.17 -1.33 21.21
CA PRO A 252 13.23 -0.30 21.23
C PRO A 252 14.17 -0.39 20.04
N LEU A 253 14.70 0.76 19.65
CA LEU A 253 15.59 0.90 18.52
C LEU A 253 16.89 1.46 19.03
N THR A 254 18.01 0.86 18.64
CA THR A 254 19.29 1.36 19.10
C THR A 254 19.97 2.16 17.99
N ILE A 255 20.34 3.40 18.29
CA ILE A 255 20.97 4.26 17.30
C ILE A 255 22.44 4.49 17.64
N LYS A 256 23.32 3.93 16.82
CA LYS A 256 24.76 4.04 17.01
C LYS A 256 25.23 5.46 16.76
N ARG A 257 26.08 5.92 17.73
CA ARG A 257 26.81 7.22 17.95
C ARG A 257 27.33 7.38 19.49
N PRO A 258 28.14 8.47 19.97
CA PRO A 258 29.22 9.04 19.19
C PRO A 258 30.59 9.13 19.91
N GLU A 259 30.66 9.67 21.10
CA GLU A 259 29.55 10.00 21.91
C GLU A 259 29.69 11.45 22.32
N LYS A 260 30.51 12.18 21.57
CA LYS A 260 30.50 13.62 21.70
C LYS A 260 29.06 14.05 21.48
N PHE A 261 28.43 13.42 20.51
CA PHE A 261 26.99 13.47 20.46
C PHE A 261 26.49 12.57 21.57
N GLY A 262 25.41 12.96 22.21
CA GLY A 262 24.79 12.22 23.29
C GLY A 262 25.11 10.77 23.53
N GLY A 263 25.97 10.17 22.74
CA GLY A 263 26.32 8.79 22.94
C GLY A 263 25.31 7.82 22.32
N ASP A 264 25.50 6.53 22.56
CA ASP A 264 24.64 5.58 21.94
C ASP A 264 23.27 5.86 22.33
N LEU A 265 22.38 5.51 21.47
CA LEU A 265 21.04 5.96 21.82
C LEU A 265 20.04 4.81 21.74
N THR A 266 19.29 4.59 22.81
CA THR A 266 18.24 3.58 22.80
C THR A 266 16.88 4.26 22.87
N VAL A 267 16.09 4.10 21.81
CA VAL A 267 14.82 4.80 21.68
C VAL A 267 13.71 3.78 21.84
N ASN A 268 12.81 4.04 22.78
CA ASN A 268 11.82 3.04 23.18
C ASN A 268 10.53 3.05 22.37
N SER A 269 10.31 4.13 21.61
CA SER A 269 9.11 4.23 20.79
C SER A 269 9.30 5.20 19.63
N TYR A 270 8.43 5.12 18.64
CA TYR A 270 8.52 6.07 17.54
C TYR A 270 8.30 7.49 18.07
N GLU A 271 7.34 7.63 18.98
CA GLU A 271 7.01 8.93 19.53
C GLU A 271 8.23 9.57 20.20
N GLU A 272 9.05 8.74 20.83
CA GLU A 272 10.27 9.23 21.45
C GLU A 272 11.25 9.67 20.36
N LEU A 273 11.30 8.90 19.28
CA LEU A 273 12.22 9.20 18.19
C LEU A 273 11.86 10.53 17.55
N GLU A 274 10.56 10.75 17.40
CA GLU A 274 10.03 11.99 16.83
C GLU A 274 10.44 13.17 17.69
N SER A 275 10.27 13.02 19.00
CA SER A 275 10.63 14.09 19.94
C SER A 275 12.12 14.42 19.79
N LEU A 276 12.96 13.39 19.81
CA LEU A 276 14.41 13.57 19.65
C LEU A 276 14.76 14.26 18.34
N PHE A 277 14.10 13.86 17.26
CA PHE A 277 14.43 14.44 15.97
C PHE A 277 13.92 15.88 15.92
N LYS A 278 12.68 16.07 16.37
CA LYS A 278 12.05 17.39 16.34
C LYS A 278 12.87 18.42 17.15
N ASN A 279 13.43 17.99 18.27
CA ASN A 279 14.23 18.88 19.12
C ASN A 279 15.67 18.97 18.66
N LYS A 280 15.93 18.43 17.47
CA LYS A 280 17.27 18.41 16.88
C LYS A 280 18.34 17.77 17.75
N GLU A 281 17.96 16.74 18.50
CA GLU A 281 18.92 16.00 19.32
C GLU A 281 19.32 14.68 18.68
N LEU A 282 18.86 14.47 17.44
CA LEU A 282 19.27 13.31 16.66
C LEU A 282 19.51 13.80 15.22
N HIS A 283 20.73 13.66 14.75
CA HIS A 283 21.08 14.15 13.41
C HIS A 283 20.59 13.22 12.30
N PRO A 284 20.20 13.81 11.15
CA PRO A 284 19.75 13.04 9.98
C PRO A 284 20.67 11.88 9.64
N MET A 285 21.99 12.09 9.56
CA MET A 285 22.85 11.00 9.14
C MET A 285 22.82 9.82 10.13
N ASP A 286 22.68 10.13 11.41
CA ASP A 286 22.57 9.06 12.41
C ASP A 286 21.22 8.35 12.29
N LEU A 287 20.17 9.12 12.06
CA LEU A 287 18.85 8.51 11.85
C LEU A 287 18.89 7.64 10.60
N LYS A 288 19.43 8.20 9.52
CA LYS A 288 19.52 7.47 8.26
C LYS A 288 20.30 6.16 8.39
N ASN A 289 21.46 6.20 9.06
CA ASN A 289 22.26 4.99 9.22
C ASN A 289 21.51 3.89 9.95
N ALA A 290 20.79 4.27 11.01
CA ALA A 290 20.00 3.29 11.75
C ALA A 290 18.83 2.77 10.92
N VAL A 291 18.14 3.68 10.23
CA VAL A 291 16.98 3.26 9.45
C VAL A 291 17.41 2.31 8.33
N ALA A 292 18.52 2.63 7.67
CA ALA A 292 19.04 1.77 6.62
C ALA A 292 19.36 0.38 7.15
N GLU A 293 20.05 0.30 8.28
CA GLU A 293 20.45 -1.01 8.81
C GLU A 293 19.26 -1.84 9.28
N GLU A 294 18.28 -1.20 9.93
CA GLU A 294 17.08 -1.92 10.35
C GLU A 294 16.26 -2.38 9.15
N LEU A 295 16.17 -1.53 8.14
CA LEU A 295 15.38 -1.87 6.94
C LEU A 295 16.02 -3.03 6.20
N ILE A 296 17.36 -3.07 6.16
CA ILE A 296 18.02 -4.22 5.56
C ILE A 296 17.62 -5.51 6.26
N LYS A 297 17.57 -5.48 7.60
CA LYS A 297 17.18 -6.65 8.39
C LYS A 297 15.72 -7.02 8.19
N ILE A 298 14.86 -6.01 8.12
CA ILE A 298 13.43 -6.25 7.92
C ILE A 298 13.14 -6.90 6.57
N LEU A 299 13.77 -6.39 5.52
CA LEU A 299 13.48 -6.84 4.16
C LEU A 299 14.26 -8.09 3.75
N GLU A 300 15.31 -8.41 4.49
CA GLU A 300 16.17 -9.54 4.17
C GLU A 300 15.44 -10.88 3.93
N PRO A 301 14.51 -11.27 4.83
CA PRO A 301 13.78 -12.54 4.59
C PRO A 301 12.96 -12.51 3.30
N ILE A 302 12.43 -11.33 2.95
CA ILE A 302 11.66 -11.20 1.72
C ILE A 302 12.57 -11.39 0.52
N ARG A 303 13.69 -10.68 0.51
CA ARG A 303 14.67 -10.77 -0.56
C ARG A 303 15.16 -12.23 -0.71
N LYS A 304 15.50 -12.86 0.41
CA LYS A 304 16.01 -14.23 0.39
C LYS A 304 14.95 -15.22 -0.11
N ARG A 305 13.74 -15.10 0.42
CA ARG A 305 12.63 -15.96 0.00
C ARG A 305 12.43 -15.86 -1.52
N LEU A 306 12.57 -14.66 -2.07
CA LEU A 306 12.44 -14.49 -3.52
C LEU A 306 13.57 -15.15 -4.28
N ALA A 307 14.80 -14.94 -3.83
CA ALA A 307 15.97 -15.56 -4.49
C ALA A 307 15.93 -17.08 -4.35
N HIS A 308 15.49 -17.55 -3.19
CA HIS A 308 15.33 -18.97 -2.92
C HIS A 308 14.35 -19.61 -3.92
N HIS A 309 13.34 -18.85 -4.37
CA HIS A 309 12.43 -19.31 -5.41
C HIS A 309 13.06 -19.04 -6.76
N HIS A 310 13.67 -17.87 -6.90
CA HIS A 310 14.25 -17.48 -8.16
C HIS A 310 15.41 -18.30 -8.68
N HIS A 311 15.66 -19.38 -7.97
CA HIS A 311 16.24 -20.57 -8.47
C HIS A 311 15.28 -21.74 -8.63
N HIS A 312 14.85 -22.31 -7.51
CA HIS A 312 14.15 -23.58 -7.35
C HIS A 312 14.90 -24.33 -6.25
N HIS A 313 15.42 -23.58 -5.31
CA HIS A 313 16.39 -24.06 -4.35
C HIS A 313 16.49 -23.13 -3.16
#